data_1H4W
#
_entry.id   1H4W
#
_cell.length_a   56.683
_cell.length_b   56.683
_cell.length_c   143.210
_cell.angle_alpha   90.00
_cell.angle_beta   90.00
_cell.angle_gamma   90.00
#
_symmetry.space_group_name_H-M   'P 41 21 2'
#
loop_
_entity.id
_entity.type
_entity.pdbx_description
1 polymer 'TRYPSIN IVA'
2 non-polymer BENZAMIDINE
3 non-polymer 'CALCIUM ION'
4 water water
#
_entity_poly.entity_id   1
_entity_poly.type   'polypeptide(L)'
_entity_poly.pdbx_seq_one_letter_code
;IVGGYTCEENSLPYQVSLNSGSHFCGGSLISEQWVVSAAHCYKTRIQVRLGEHNIKVLEGNEQFINAVKIIRHPKYNRDT
LDNDIMLIKLSSPAVINARVSTISLPTAPPAAGTECLISGWGNTLSFGADYPDELKCLDAPVLTQAECKASYPGKITNSM
FCVGFLEGGKDSCQRDSGGPVVCNGQLQGVVSWGHGCAWKNRPGVYTKVYNYVDWIKDTIAANS
;
_entity_poly.pdbx_strand_id   A
#
# COMPACT_ATOMS: atom_id res chain seq x y z
N ILE A 1 2.77 -9.89 -4.30
CA ILE A 1 1.43 -10.29 -4.82
C ILE A 1 1.45 -11.75 -5.27
N VAL A 2 0.53 -12.54 -4.73
CA VAL A 2 0.41 -13.94 -5.08
C VAL A 2 -0.80 -14.14 -6.00
N GLY A 3 -0.60 -14.83 -7.11
CA GLY A 3 -1.69 -15.08 -8.05
C GLY A 3 -2.15 -13.90 -8.88
N GLY A 4 -1.31 -12.87 -8.99
CA GLY A 4 -1.68 -11.71 -9.77
C GLY A 4 -1.08 -11.75 -11.17
N TYR A 5 -0.97 -10.59 -11.79
CA TYR A 5 -0.40 -10.48 -13.13
C TYR A 5 0.55 -9.29 -13.16
N THR A 6 1.43 -9.28 -14.15
CA THR A 6 2.37 -8.17 -14.27
C THR A 6 1.62 -6.96 -14.78
N CYS A 7 1.69 -5.85 -14.03
CA CYS A 7 1.02 -4.62 -14.44
C CYS A 7 1.68 -4.08 -15.69
N GLU A 8 0.94 -3.32 -16.49
CA GLU A 8 1.52 -2.73 -17.68
C GLU A 8 2.46 -1.64 -17.20
N GLU A 9 3.62 -1.52 -17.85
CA GLU A 9 4.62 -0.52 -17.46
C GLU A 9 4.08 0.89 -17.20
N ASN A 10 4.33 1.38 -15.99
CA ASN A 10 3.90 2.72 -15.56
C ASN A 10 2.40 2.99 -15.64
N SER A 11 1.59 1.94 -15.54
CA SER A 11 0.14 2.12 -15.59
C SER A 11 -0.43 2.55 -14.24
N LEU A 12 0.40 2.47 -13.20
N LEU A 12 0.40 2.47 -13.20
CA LEU A 12 0.01 2.88 -11.85
CA LEU A 12 0.00 2.88 -11.85
C LEU A 12 1.02 3.93 -11.40
C LEU A 12 1.02 3.95 -11.44
N PRO A 13 0.93 5.14 -11.98
N PRO A 13 0.88 5.16 -11.98
CA PRO A 13 1.83 6.27 -11.68
CA PRO A 13 1.78 6.30 -11.70
C PRO A 13 1.99 6.65 -10.21
C PRO A 13 1.93 6.73 -10.25
N TYR A 14 1.01 6.30 -9.39
CA TYR A 14 1.05 6.64 -7.97
C TYR A 14 1.80 5.64 -7.10
N GLN A 15 2.15 4.48 -7.67
CA GLN A 15 2.86 3.45 -6.91
C GLN A 15 4.32 3.80 -6.74
N VAL A 16 4.80 3.73 -5.49
CA VAL A 16 6.20 4.01 -5.22
C VAL A 16 6.84 2.84 -4.50
N SER A 17 8.16 2.80 -4.56
CA SER A 17 8.93 1.76 -3.88
C SER A 17 9.75 2.46 -2.79
N LEU A 18 9.71 1.92 -1.58
CA LEU A 18 10.49 2.48 -0.48
C LEU A 18 11.77 1.64 -0.49
N ASN A 19 12.90 2.32 -0.62
CA ASN A 19 14.19 1.64 -0.72
C ASN A 19 15.16 2.02 0.39
N SER A 20 15.81 1.01 0.97
CA SER A 20 16.78 1.21 2.03
C SER A 20 17.92 0.25 1.72
N GLY A 21 18.47 0.39 0.52
CA GLY A 21 19.54 -0.50 0.08
C GLY A 21 18.90 -1.42 -0.93
N SER A 22 17.65 -1.77 -0.66
CA SER A 22 16.86 -2.63 -1.53
C SER A 22 15.39 -2.32 -1.25
N HIS A 23 14.51 -2.78 -2.11
CA HIS A 23 13.08 -2.55 -1.93
C HIS A 23 12.58 -3.31 -0.71
N PHE A 24 11.81 -2.63 0.15
CA PHE A 24 11.29 -3.29 1.34
C PHE A 24 9.81 -3.02 1.62
N CYS A 25 9.25 -2.00 0.98
CA CYS A 25 7.84 -1.66 1.17
C CYS A 25 7.33 -0.82 0.02
N GLY A 26 6.01 -0.75 -0.10
CA GLY A 26 5.41 0.06 -1.14
C GLY A 26 4.86 1.33 -0.51
N GLY A 27 4.28 2.19 -1.34
CA GLY A 27 3.69 3.42 -0.86
C GLY A 27 2.87 4.05 -1.98
N SER A 28 2.15 5.12 -1.67
CA SER A 28 1.32 5.81 -2.65
C SER A 28 1.56 7.32 -2.62
N LEU A 29 1.75 7.91 -3.80
CA LEU A 29 1.97 9.36 -3.88
C LEU A 29 0.60 10.05 -3.90
N ILE A 30 0.31 10.88 -2.90
CA ILE A 30 -0.97 11.58 -2.85
C ILE A 30 -0.85 13.07 -3.14
N SER A 31 0.39 13.56 -3.14
CA SER A 31 0.68 14.97 -3.44
C SER A 31 2.10 14.98 -3.97
N GLU A 32 2.50 16.06 -4.63
CA GLU A 32 3.84 16.12 -5.20
C GLU A 32 4.96 15.84 -4.20
N GLN A 33 4.75 16.15 -2.93
CA GLN A 33 5.79 15.95 -1.93
C GLN A 33 5.41 15.00 -0.79
N TRP A 34 4.27 14.33 -0.92
CA TRP A 34 3.82 13.43 0.14
C TRP A 34 3.42 12.02 -0.29
N VAL A 35 3.89 11.05 0.47
CA VAL A 35 3.62 9.62 0.23
C VAL A 35 2.95 8.99 1.45
N VAL A 36 1.98 8.11 1.20
CA VAL A 36 1.29 7.41 2.28
C VAL A 36 1.79 5.97 2.26
N SER A 37 2.07 5.41 3.44
CA SER A 37 2.54 4.04 3.53
C SER A 37 2.08 3.47 4.87
N ALA A 38 2.61 2.30 5.26
CA ALA A 38 2.25 1.68 6.53
C ALA A 38 3.28 2.04 7.58
N ALA A 39 2.81 2.24 8.81
CA ALA A 39 3.71 2.58 9.91
C ALA A 39 4.72 1.48 10.20
N HIS A 40 4.35 0.23 9.94
CA HIS A 40 5.30 -0.85 10.21
C HIS A 40 6.44 -0.88 9.22
N CYS A 41 6.38 0.00 8.23
CA CYS A 41 7.43 0.10 7.21
C CYS A 41 8.43 1.19 7.61
N TYR A 42 8.28 1.71 8.82
CA TYR A 42 9.15 2.76 9.30
C TYR A 42 10.63 2.38 9.36
N LYS A 43 11.48 3.33 8.96
CA LYS A 43 12.93 3.19 8.99
C LYS A 43 13.50 4.60 9.09
N THR A 44 14.61 4.74 9.80
CA THR A 44 15.24 6.05 10.00
C THR A 44 15.56 6.75 8.68
N ARG A 45 16.08 6.00 7.72
CA ARG A 45 16.43 6.57 6.41
C ARG A 45 15.67 5.82 5.32
N ILE A 46 15.00 6.57 4.46
CA ILE A 46 14.23 5.97 3.37
C ILE A 46 14.35 6.74 2.07
N GLN A 47 14.64 6.03 0.99
CA GLN A 47 14.71 6.66 -0.32
C GLN A 47 13.44 6.23 -1.05
N VAL A 48 12.69 7.20 -1.57
CA VAL A 48 11.46 6.92 -2.29
C VAL A 48 11.76 6.85 -3.78
N ARG A 49 11.36 5.74 -4.41
CA ARG A 49 11.60 5.57 -5.83
C ARG A 49 10.29 5.59 -6.62
N LEU A 50 10.15 6.63 -7.43
CA LEU A 50 8.94 6.83 -8.24
C LEU A 50 9.19 6.50 -9.70
N GLY A 51 8.09 6.29 -10.44
CA GLY A 51 8.19 5.98 -11.86
C GLY A 51 8.84 4.65 -12.18
N GLU A 52 8.75 3.72 -11.24
CA GLU A 52 9.36 2.40 -11.40
C GLU A 52 8.44 1.32 -11.97
N HIS A 53 9.06 0.37 -12.65
CA HIS A 53 8.35 -0.80 -13.16
C HIS A 53 9.26 -1.97 -12.79
N ASN A 54 10.45 -2.02 -13.39
CA ASN A 54 11.42 -3.06 -13.08
C ASN A 54 12.35 -2.39 -12.06
N ILE A 55 12.28 -2.81 -10.80
CA ILE A 55 13.10 -2.19 -9.76
C ILE A 55 14.59 -2.52 -9.78
N LYS A 56 15.00 -3.42 -10.67
CA LYS A 56 16.41 -3.80 -10.76
C LYS A 56 17.13 -3.15 -11.94
N VAL A 57 16.36 -2.63 -12.90
CA VAL A 57 16.94 -2.03 -14.09
C VAL A 57 16.53 -0.57 -14.30
N LEU A 58 17.49 0.26 -14.71
CA LEU A 58 17.21 1.66 -14.99
C LEU A 58 16.46 1.70 -16.31
N GLU A 59 15.26 2.27 -16.29
CA GLU A 59 14.43 2.36 -17.47
C GLU A 59 14.36 3.76 -18.06
N GLY A 60 14.76 4.75 -17.27
CA GLY A 60 14.75 6.13 -17.74
C GLY A 60 13.63 7.02 -17.26
N ASN A 61 12.66 6.46 -16.54
CA ASN A 61 11.54 7.25 -16.05
C ASN A 61 11.54 7.37 -14.53
N GLU A 62 12.53 6.78 -13.88
CA GLU A 62 12.62 6.82 -12.43
C GLU A 62 12.98 8.16 -11.85
N GLN A 63 12.55 8.37 -10.61
CA GLN A 63 12.86 9.56 -9.85
C GLN A 63 13.18 9.04 -8.45
N PHE A 64 14.43 9.22 -8.03
CA PHE A 64 14.84 8.77 -6.70
C PHE A 64 14.92 10.00 -5.81
N ILE A 65 14.13 10.02 -4.75
CA ILE A 65 14.09 11.16 -3.84
C ILE A 65 14.11 10.68 -2.38
N ASN A 66 15.03 11.22 -1.59
CA ASN A 66 15.11 10.83 -0.19
C ASN A 66 14.01 11.47 0.63
N ALA A 67 13.57 10.78 1.67
CA ALA A 67 12.53 11.30 2.55
C ALA A 67 13.20 12.26 3.52
N VAL A 68 12.55 13.39 3.79
CA VAL A 68 13.09 14.36 4.73
C VAL A 68 12.44 14.20 6.10
N LYS A 69 11.18 13.78 6.11
CA LYS A 69 10.46 13.57 7.35
C LYS A 69 9.51 12.38 7.26
N ILE A 70 9.52 11.54 8.29
CA ILE A 70 8.67 10.36 8.33
C ILE A 70 7.78 10.44 9.56
N ILE A 71 6.47 10.49 9.34
CA ILE A 71 5.51 10.61 10.44
C ILE A 71 4.56 9.43 10.58
N ARG A 72 4.74 8.65 11.64
CA ARG A 72 3.86 7.52 11.90
C ARG A 72 2.65 8.07 12.65
N HIS A 73 1.52 7.39 12.52
CA HIS A 73 0.33 7.85 13.23
C HIS A 73 0.63 7.80 14.72
N PRO A 74 0.19 8.82 15.47
CA PRO A 74 0.40 8.90 16.92
C PRO A 74 -0.07 7.69 17.70
N LYS A 75 -1.16 7.07 17.25
CA LYS A 75 -1.72 5.92 17.95
C LYS A 75 -1.34 4.57 17.35
N TYR A 76 -0.27 4.54 16.56
CA TYR A 76 0.18 3.29 15.97
C TYR A 76 0.60 2.31 17.07
N ASN A 77 0.11 1.08 16.99
CA ASN A 77 0.44 0.05 17.98
C ASN A 77 1.24 -1.06 17.29
N ARG A 78 2.53 -1.10 17.56
CA ARG A 78 3.43 -2.08 16.96
C ARG A 78 3.01 -3.53 17.20
N ASP A 79 2.36 -3.81 18.33
CA ASP A 79 1.95 -5.17 18.65
C ASP A 79 0.69 -5.64 17.94
N THR A 80 -0.30 -4.76 17.82
CA THR A 80 -1.56 -5.12 17.19
C THR A 80 -1.71 -4.59 15.77
N LEU A 81 -0.81 -3.67 15.39
CA LEU A 81 -0.84 -3.05 14.07
C LEU A 81 -2.05 -2.14 13.90
N ASP A 82 -2.61 -1.71 15.02
CA ASP A 82 -3.75 -0.80 15.00
C ASP A 82 -3.20 0.54 14.47
N ASN A 83 -3.98 1.24 13.66
CA ASN A 83 -3.57 2.52 13.10
C ASN A 83 -2.25 2.42 12.34
N ASP A 84 -2.14 1.39 11.50
CA ASP A 84 -0.94 1.17 10.71
C ASP A 84 -0.89 2.05 9.47
N ILE A 85 -0.55 3.32 9.66
CA ILE A 85 -0.45 4.27 8.56
C ILE A 85 0.67 5.25 8.87
N MET A 86 1.31 5.74 7.82
CA MET A 86 2.44 6.65 7.98
C MET A 86 2.56 7.59 6.80
N LEU A 87 3.03 8.81 7.06
CA LEU A 87 3.21 9.82 6.02
C LEU A 87 4.69 10.06 5.83
N ILE A 88 5.10 10.21 4.57
CA ILE A 88 6.49 10.45 4.24
C ILE A 88 6.60 11.72 3.40
N LYS A 89 7.39 12.69 3.88
CA LYS A 89 7.57 13.92 3.13
C LYS A 89 8.89 13.81 2.36
N LEU A 90 8.82 14.06 1.05
CA LEU A 90 10.00 13.99 0.20
C LEU A 90 10.82 15.27 0.36
N SER A 91 12.14 15.15 0.29
CA SER A 91 13.02 16.31 0.43
C SER A 91 12.73 17.33 -0.66
N SER A 92 12.25 16.87 -1.80
CA SER A 92 11.91 17.75 -2.91
C SER A 92 10.65 17.20 -3.59
N PRO A 93 9.86 18.09 -4.19
CA PRO A 93 8.63 17.65 -4.87
C PRO A 93 8.94 16.82 -6.11
N ALA A 94 8.15 15.77 -6.32
CA ALA A 94 8.33 14.91 -7.46
C ALA A 94 7.86 15.66 -8.71
N VAL A 95 8.43 15.32 -9.85
CA VAL A 95 8.03 15.95 -11.11
C VAL A 95 6.85 15.13 -11.61
N ILE A 96 5.69 15.77 -11.71
CA ILE A 96 4.48 15.09 -12.14
C ILE A 96 4.40 15.00 -13.66
N ASN A 97 4.23 13.78 -14.17
CA ASN A 97 4.12 13.56 -15.60
C ASN A 97 3.23 12.37 -15.88
N ALA A 98 3.34 11.81 -17.08
CA ALA A 98 2.52 10.67 -17.46
C ALA A 98 2.84 9.39 -16.68
N ARG A 99 4.07 9.25 -16.21
CA ARG A 99 4.47 8.05 -15.49
C ARG A 99 4.57 8.23 -13.98
N VAL A 100 4.39 9.46 -13.51
CA VAL A 100 4.46 9.76 -12.09
C VAL A 100 3.37 10.77 -11.75
N SER A 101 2.35 10.33 -11.03
CA SER A 101 1.26 11.20 -10.64
C SER A 101 0.63 10.74 -9.33
N THR A 102 -0.32 11.53 -8.83
CA THR A 102 -0.94 11.24 -7.55
C THR A 102 -2.28 10.51 -7.58
N ILE A 103 -2.65 9.95 -6.43
CA ILE A 103 -3.91 9.23 -6.28
C ILE A 103 -4.76 10.02 -5.27
N SER A 104 -6.07 10.03 -5.48
N SER A 104 -6.07 10.01 -5.48
N SER A 104 -6.07 10.01 -5.48
CA SER A 104 -6.98 10.76 -4.60
CA SER A 104 -7.01 10.73 -4.62
CA SER A 104 -7.01 10.73 -4.62
C SER A 104 -7.29 10.04 -3.29
C SER A 104 -7.34 10.02 -3.30
C SER A 104 -7.32 10.03 -3.29
N LEU A 105 -7.78 10.81 -2.31
CA LEU A 105 -8.13 10.26 -1.00
C LEU A 105 -9.61 9.84 -1.09
N PRO A 106 -10.02 8.88 -0.26
CA PRO A 106 -11.43 8.42 -0.30
C PRO A 106 -12.44 9.40 0.26
N THR A 107 -13.63 9.38 -0.31
CA THR A 107 -14.72 10.27 0.13
C THR A 107 -15.73 9.51 0.97
N ALA A 108 -15.54 8.20 1.07
CA ALA A 108 -16.41 7.33 1.85
C ALA A 108 -15.65 6.03 2.09
N PRO A 109 -15.99 5.30 3.16
N PRO A 109 -16.00 5.30 3.16
CA PRO A 109 -15.32 4.03 3.48
CA PRO A 109 -15.35 4.02 3.49
C PRO A 109 -15.54 2.99 2.38
C PRO A 109 -15.56 2.99 2.39
N PRO A 110 -14.69 1.96 2.34
CA PRO A 110 -14.83 0.92 1.31
C PRO A 110 -16.12 0.14 1.52
N ALA A 111 -16.79 -0.18 0.43
CA ALA A 111 -18.04 -0.93 0.50
C ALA A 111 -17.81 -2.37 0.09
N ALA A 112 -18.34 -3.31 0.87
CA ALA A 112 -18.19 -4.72 0.58
C ALA A 112 -18.63 -5.01 -0.85
N GLY A 113 -17.86 -5.81 -1.57
CA GLY A 113 -18.21 -6.16 -2.93
C GLY A 113 -17.54 -5.31 -3.99
N THR A 114 -16.96 -4.19 -3.58
CA THR A 114 -16.28 -3.30 -4.52
C THR A 114 -14.98 -3.94 -5.01
N GLU A 115 -14.73 -3.86 -6.31
CA GLU A 115 -13.50 -4.43 -6.86
C GLU A 115 -12.40 -3.39 -6.75
N CYS A 116 -11.25 -3.81 -6.24
CA CYS A 116 -10.11 -2.91 -6.07
C CYS A 116 -8.86 -3.46 -6.72
N LEU A 117 -7.85 -2.61 -6.86
CA LEU A 117 -6.58 -2.99 -7.46
C LEU A 117 -5.48 -2.86 -6.40
N ILE A 118 -4.80 -3.97 -6.15
CA ILE A 118 -3.70 -4.02 -5.18
C ILE A 118 -2.43 -4.24 -5.99
N SER A 119 -1.35 -3.59 -5.62
CA SER A 119 -0.13 -3.74 -6.39
C SER A 119 1.14 -3.69 -5.55
N GLY A 120 2.20 -4.28 -6.08
CA GLY A 120 3.47 -4.27 -5.35
C GLY A 120 4.52 -5.19 -5.92
N TRP A 121 5.72 -5.11 -5.32
CA TRP A 121 6.86 -5.93 -5.70
C TRP A 121 7.12 -6.95 -4.59
N GLY A 122 6.05 -7.31 -3.88
CA GLY A 122 6.17 -8.27 -2.80
C GLY A 122 6.27 -9.72 -3.23
N ASN A 123 6.40 -10.61 -2.24
CA ASN A 123 6.55 -12.05 -2.47
C ASN A 123 5.40 -12.57 -3.34
N THR A 124 5.72 -13.47 -4.28
CA THR A 124 4.69 -14.03 -5.17
C THR A 124 4.31 -15.47 -4.84
N LEU A 125 4.83 -15.99 -3.73
CA LEU A 125 4.55 -17.38 -3.32
C LEU A 125 3.93 -17.47 -1.92
N SER A 126 3.11 -18.51 -1.71
CA SER A 126 2.46 -18.75 -0.43
C SER A 126 3.44 -19.42 0.54
N PHE A 127 4.44 -20.09 -0.02
CA PHE A 127 5.48 -20.76 0.76
C PHE A 127 6.79 -20.49 0.04
N GLY A 128 7.85 -20.23 0.80
CA GLY A 128 9.12 -19.92 0.19
C GLY A 128 9.08 -18.46 -0.21
N ALA A 129 10.01 -18.02 -1.05
CA ALA A 129 10.02 -16.62 -1.44
C ALA A 129 10.53 -16.40 -2.84
N ASP A 130 9.81 -15.56 -3.59
CA ASP A 130 10.18 -15.22 -4.95
C ASP A 130 9.74 -13.77 -5.11
N TYR A 131 10.72 -12.86 -5.08
CA TYR A 131 10.45 -11.44 -5.23
C TYR A 131 10.68 -11.07 -6.69
N PRO A 132 9.65 -10.51 -7.35
CA PRO A 132 9.68 -10.10 -8.74
C PRO A 132 10.43 -8.80 -9.04
N ASP A 133 10.95 -8.70 -10.26
CA ASP A 133 11.64 -7.48 -10.66
C ASP A 133 10.59 -6.48 -11.14
N GLU A 134 9.53 -7.00 -11.74
CA GLU A 134 8.45 -6.18 -12.27
C GLU A 134 7.25 -6.07 -11.34
N LEU A 135 6.59 -4.91 -11.39
CA LEU A 135 5.42 -4.61 -10.56
C LEU A 135 4.27 -5.57 -10.86
N LYS A 136 3.70 -6.13 -9.80
CA LYS A 136 2.59 -7.07 -9.94
C LYS A 136 1.26 -6.42 -9.54
N CYS A 137 0.19 -6.88 -10.20
CA CYS A 137 -1.16 -6.38 -10.01
C CYS A 137 -2.14 -7.47 -9.61
N LEU A 138 -3.17 -7.08 -8.85
CA LEU A 138 -4.19 -8.03 -8.42
C LEU A 138 -5.54 -7.31 -8.24
N ASP A 139 -6.57 -7.85 -8.88
CA ASP A 139 -7.91 -7.29 -8.76
C ASP A 139 -8.61 -8.16 -7.73
N ALA A 140 -9.12 -7.53 -6.67
CA ALA A 140 -9.79 -8.27 -5.60
C ALA A 140 -10.90 -7.44 -4.99
N PRO A 141 -11.94 -8.12 -4.46
CA PRO A 141 -13.07 -7.43 -3.84
C PRO A 141 -12.95 -7.21 -2.34
N VAL A 142 -13.59 -6.14 -1.87
CA VAL A 142 -13.61 -5.82 -0.46
C VAL A 142 -14.55 -6.83 0.20
N LEU A 143 -14.15 -7.40 1.33
CA LEU A 143 -14.98 -8.36 2.04
C LEU A 143 -15.79 -7.65 3.11
N THR A 144 -16.82 -8.31 3.63
CA THR A 144 -17.63 -7.70 4.68
C THR A 144 -16.83 -7.75 5.98
N GLN A 145 -17.13 -6.83 6.90
CA GLN A 145 -16.43 -6.82 8.18
C GLN A 145 -16.72 -8.12 8.92
N ALA A 146 -17.89 -8.69 8.65
CA ALA A 146 -18.27 -9.95 9.29
C ALA A 146 -17.27 -11.04 8.92
N GLU A 147 -17.03 -11.20 7.62
CA GLU A 147 -16.08 -12.20 7.14
C GLU A 147 -14.66 -11.92 7.64
N CYS A 148 -14.30 -10.65 7.68
CA CYS A 148 -12.97 -10.24 8.13
C CYS A 148 -12.74 -10.65 9.58
N LYS A 149 -13.69 -10.32 10.44
CA LYS A 149 -13.58 -10.66 11.86
C LYS A 149 -13.60 -12.17 12.08
N ALA A 150 -14.37 -12.88 11.25
CA ALA A 150 -14.47 -14.33 11.37
C ALA A 150 -13.13 -15.00 11.03
N SER A 151 -12.40 -14.39 10.11
CA SER A 151 -11.10 -14.92 9.69
C SER A 151 -10.01 -14.65 10.72
N TYR A 152 -10.13 -13.52 11.42
CA TYR A 152 -9.14 -13.14 12.42
C TYR A 152 -9.82 -12.73 13.72
N PRO A 153 -10.43 -13.70 14.42
CA PRO A 153 -11.12 -13.43 15.69
C PRO A 153 -10.31 -12.60 16.68
N GLY A 154 -10.92 -11.50 17.14
CA GLY A 154 -10.27 -10.64 18.12
C GLY A 154 -9.01 -9.91 17.68
N LYS A 155 -8.79 -9.79 16.38
CA LYS A 155 -7.59 -9.10 15.89
C LYS A 155 -7.91 -7.93 14.97
N ILE A 156 -9.16 -7.81 14.57
CA ILE A 156 -9.57 -6.73 13.68
C ILE A 156 -10.11 -5.52 14.44
N THR A 157 -9.47 -4.36 14.23
CA THR A 157 -9.87 -3.13 14.89
C THR A 157 -10.67 -2.26 13.91
N ASN A 158 -11.08 -1.08 14.38
CA ASN A 158 -11.86 -0.17 13.55
C ASN A 158 -11.05 0.42 12.39
N SER A 159 -9.73 0.33 12.46
CA SER A 159 -8.88 0.88 11.41
C SER A 159 -8.55 -0.13 10.32
N MET A 160 -9.12 -1.33 10.42
CA MET A 160 -8.82 -2.39 9.46
C MET A 160 -10.00 -2.91 8.64
N PHE A 161 -9.70 -3.41 7.44
CA PHE A 161 -10.72 -4.02 6.60
C PHE A 161 -10.04 -5.09 5.76
N CYS A 162 -10.83 -6.06 5.31
CA CYS A 162 -10.27 -7.15 4.51
C CYS A 162 -10.60 -7.07 3.03
N VAL A 163 -9.65 -7.51 2.21
CA VAL A 163 -9.82 -7.54 0.77
C VAL A 163 -9.20 -8.84 0.30
N GLY A 164 -9.85 -9.53 -0.63
CA GLY A 164 -9.30 -10.78 -1.12
C GLY A 164 -10.31 -11.88 -1.39
N PHE A 165 -9.83 -13.12 -1.25
CA PHE A 165 -10.66 -14.29 -1.51
C PHE A 165 -10.51 -15.30 -0.37
N LEU A 166 -11.63 -15.72 0.21
CA LEU A 166 -11.60 -16.68 1.30
C LEU A 166 -11.06 -18.03 0.87
N GLU A 167 -11.17 -18.34 -0.42
CA GLU A 167 -10.68 -19.61 -0.95
C GLU A 167 -9.15 -19.60 -1.07
N GLY A 168 -8.56 -18.42 -0.95
CA GLY A 168 -7.11 -18.30 -1.05
C GLY A 168 -6.61 -18.28 -2.48
N GLY A 169 -5.29 -18.34 -2.65
CA GLY A 169 -4.71 -18.34 -3.99
C GLY A 169 -4.32 -16.98 -4.55
N LYS A 170 -5.01 -15.93 -4.13
CA LYS A 170 -4.72 -14.57 -4.60
C LYS A 170 -4.67 -13.67 -3.38
N ASP A 171 -3.57 -12.95 -3.19
CA ASP A 171 -3.43 -12.10 -2.00
C ASP A 171 -2.18 -11.22 -2.15
N SER A 172 -2.02 -10.25 -1.25
CA SER A 172 -0.81 -9.43 -1.26
C SER A 172 0.13 -10.22 -0.33
N CYS A 173 1.36 -9.77 -0.15
CA CYS A 173 2.29 -10.52 0.70
C CYS A 173 3.44 -9.65 1.20
N GLN A 174 4.42 -10.28 1.83
N GLN A 174 4.42 -10.28 1.84
CA GLN A 174 5.60 -9.58 2.35
CA GLN A 174 5.58 -9.57 2.36
C GLN A 174 6.17 -8.62 1.32
C GLN A 174 6.19 -8.63 1.32
N ARG A 175 6.48 -7.40 1.76
CA ARG A 175 7.06 -6.36 0.92
C ARG A 175 6.07 -5.67 -0.02
N ASP A 176 4.80 -6.06 0.04
CA ASP A 176 3.76 -5.36 -0.71
C ASP A 176 3.31 -4.34 0.33
N SER A 177 3.66 -4.62 1.58
CA SER A 177 3.33 -3.79 2.74
C SER A 177 3.49 -2.30 2.47
N GLY A 178 2.52 -1.51 2.90
CA GLY A 178 2.57 -0.07 2.72
C GLY A 178 2.00 0.36 1.38
N GLY A 179 1.82 -0.61 0.49
CA GLY A 179 1.31 -0.35 -0.85
C GLY A 179 -0.15 0.04 -0.92
N PRO A 180 -0.62 0.43 -2.09
CA PRO A 180 -2.01 0.84 -2.30
C PRO A 180 -3.07 -0.20 -2.63
N VAL A 181 -4.29 0.13 -2.23
CA VAL A 181 -5.48 -0.63 -2.54
C VAL A 181 -6.34 0.49 -3.10
N VAL A 182 -6.52 0.50 -4.41
CA VAL A 182 -7.30 1.56 -5.05
C VAL A 182 -8.62 1.02 -5.55
N CYS A 183 -9.71 1.69 -5.18
CA CYS A 183 -11.03 1.26 -5.61
C CYS A 183 -11.73 2.50 -6.17
N ASN A 184 -12.25 2.39 -7.39
CA ASN A 184 -12.95 3.50 -8.02
C ASN A 184 -12.10 4.77 -8.05
N GLY A 185 -10.82 4.62 -8.36
CA GLY A 185 -9.95 5.77 -8.45
C GLY A 185 -9.54 6.46 -7.16
N GLN A 186 -9.86 5.86 -6.01
CA GLN A 186 -9.49 6.47 -4.74
C GLN A 186 -8.66 5.49 -3.90
N LEU A 187 -7.76 6.03 -3.10
CA LEU A 187 -6.90 5.21 -2.24
C LEU A 187 -7.71 4.78 -1.01
N GLN A 188 -8.23 3.56 -1.02
CA GLN A 188 -9.04 3.07 0.09
C GLN A 188 -8.24 2.36 1.18
N GLY A 189 -7.13 1.73 0.81
CA GLY A 189 -6.37 1.04 1.82
C GLY A 189 -4.88 1.00 1.62
N VAL A 190 -4.20 0.56 2.67
CA VAL A 190 -2.76 0.40 2.70
C VAL A 190 -2.48 -1.06 3.10
N VAL A 191 -1.63 -1.73 2.34
CA VAL A 191 -1.30 -3.13 2.64
C VAL A 191 -0.70 -3.19 4.05
N SER A 192 -1.34 -3.95 4.94
CA SER A 192 -0.87 -4.03 6.32
C SER A 192 -0.38 -5.40 6.77
N TRP A 193 -1.29 -6.36 6.88
CA TRP A 193 -0.88 -7.68 7.33
C TRP A 193 -1.82 -8.82 6.94
N GLY A 194 -1.50 -10.01 7.45
CA GLY A 194 -2.29 -11.20 7.20
C GLY A 194 -1.52 -12.40 7.72
N HIS A 195 -2.18 -13.54 7.84
CA HIS A 195 -1.51 -14.76 8.31
C HIS A 195 -1.13 -15.54 7.05
N GLY A 196 0.16 -15.65 6.79
CA GLY A 196 0.62 -16.33 5.60
C GLY A 196 0.30 -15.44 4.42
N CYS A 197 0.23 -16.03 3.23
CA CYS A 197 -0.10 -15.29 2.01
C CYS A 197 -0.92 -16.18 1.10
N ALA A 198 -2.12 -15.74 0.77
CA ALA A 198 -3.01 -16.48 -0.10
C ALA A 198 -3.43 -17.83 0.48
N TRP A 199 -3.43 -17.92 1.80
CA TRP A 199 -3.85 -19.16 2.48
C TRP A 199 -5.38 -19.14 2.59
N LYS A 200 -5.98 -20.32 2.65
CA LYS A 200 -7.43 -20.43 2.76
C LYS A 200 -7.94 -19.77 4.04
N ASN A 201 -9.06 -19.05 3.91
CA ASN A 201 -9.68 -18.37 5.04
C ASN A 201 -8.83 -17.34 5.77
N ARG A 202 -7.81 -16.82 5.08
N ARG A 202 -7.83 -16.80 5.08
CA ARG A 202 -6.92 -15.82 5.67
CA ARG A 202 -6.95 -15.80 5.68
C ARG A 202 -6.64 -14.71 4.65
C ARG A 202 -6.65 -14.71 4.67
N PRO A 203 -7.65 -13.85 4.40
CA PRO A 203 -7.50 -12.75 3.45
C PRO A 203 -6.56 -11.67 3.96
N GLY A 204 -6.18 -10.76 3.09
CA GLY A 204 -5.29 -9.68 3.51
C GLY A 204 -6.03 -8.64 4.34
N VAL A 205 -5.33 -8.04 5.30
CA VAL A 205 -5.91 -7.02 6.15
C VAL A 205 -5.26 -5.69 5.75
N TYR A 206 -6.08 -4.67 5.58
CA TYR A 206 -5.62 -3.37 5.14
C TYR A 206 -6.05 -2.23 6.04
N THR A 207 -5.26 -1.15 6.06
CA THR A 207 -5.61 0.01 6.86
C THR A 207 -6.66 0.83 6.11
N LYS A 208 -7.73 1.19 6.81
CA LYS A 208 -8.81 1.97 6.22
C LYS A 208 -8.42 3.45 6.15
N VAL A 209 -7.96 3.88 4.97
CA VAL A 209 -7.52 5.27 4.80
C VAL A 209 -8.57 6.31 5.13
N TYR A 210 -9.84 6.03 4.86
CA TYR A 210 -10.92 6.97 5.14
C TYR A 210 -10.91 7.50 6.58
N ASN A 211 -10.55 6.63 7.53
CA ASN A 211 -10.52 7.02 8.94
C ASN A 211 -9.46 8.08 9.26
N TYR A 212 -8.51 8.26 8.34
CA TYR A 212 -7.42 9.20 8.56
C TYR A 212 -7.36 10.42 7.64
N VAL A 213 -8.42 10.65 6.88
CA VAL A 213 -8.43 11.79 5.96
C VAL A 213 -8.14 13.12 6.66
N ASP A 214 -8.79 13.36 7.79
CA ASP A 214 -8.56 14.60 8.51
C ASP A 214 -7.14 14.68 9.06
N TRP A 215 -6.64 13.57 9.59
CA TRP A 215 -5.28 13.53 10.13
C TRP A 215 -4.27 13.81 9.03
N ILE A 216 -4.49 13.23 7.85
CA ILE A 216 -3.60 13.44 6.73
C ILE A 216 -3.58 14.90 6.31
N LYS A 217 -4.75 15.49 6.14
CA LYS A 217 -4.85 16.89 5.74
C LYS A 217 -4.16 17.81 6.74
N ASP A 218 -4.48 17.64 8.02
CA ASP A 218 -3.90 18.47 9.06
C ASP A 218 -2.40 18.30 9.20
N THR A 219 -1.95 17.05 9.20
CA THR A 219 -0.52 16.76 9.34
C THR A 219 0.28 17.34 8.18
N ILE A 220 -0.22 17.21 6.96
CA ILE A 220 0.47 17.74 5.80
C ILE A 220 0.53 19.27 5.84
N ALA A 221 -0.59 19.89 6.21
CA ALA A 221 -0.65 21.34 6.29
C ALA A 221 0.31 21.90 7.32
N ALA A 222 0.50 21.15 8.41
CA ALA A 222 1.39 21.58 9.48
C ALA A 222 2.86 21.25 9.27
N ASN A 223 3.17 20.52 8.19
CA ASN A 223 4.55 20.14 7.91
C ASN A 223 5.01 20.51 6.50
N SER A 224 4.32 21.46 5.89
CA SER A 224 4.67 21.88 4.53
C SER A 224 4.95 23.38 4.51
#